data_2W2X
#
_entry.id   2W2X
#
_cell.length_a   131.570
_cell.length_b   84.459
_cell.length_c   74.196
_cell.angle_alpha   90.00
_cell.angle_beta   112.21
_cell.angle_gamma   90.00
#
_symmetry.space_group_name_H-M   'C 1 2 1'
#
loop_
_entity.id
_entity.type
_entity.pdbx_description
1 polymer 'RAS-RELATED C3 BOTULINUM TOXIN SUBSTRATE 2'
2 polymer '1-PHOSPHATIDYLINOSITOL-4,5-BISPHOSPHATE PHOSPHODIESTERASE GAMMA-2'
3 polymer '1-PHOSPHATIDYLINOSITOL-4,5-BISPHOSPHATE PHOSPHODIESTERASE GAMMA-2'
4 non-polymer "5'-GUANOSINE-DIPHOSPHATE-MONOTHIOPHOSPHATE"
5 non-polymer 'MAGNESIUM ION'
6 water water
#
loop_
_entity_poly.entity_id
_entity_poly.type
_entity_poly.pdbx_seq_one_letter_code
_entity_poly.pdbx_strand_id
1 'polypeptide(L)'
;GGGSGGSQAIKCVVVGDVAVGKTCLLISYTTNAFPGEYIPTVFDNYSANVMVDSKPVNLGLWDTAGQEDYDRLRPLSYPQ
TDVFLICFSLVSPASYENVRAKWFPEVRHHCPSTPIILVGTKLDLRDDKDTIEKLKEKKLAPITYPQGLALAKEIDSVKY
LECSALTQRGLKTVFDEAIRAVLCP
;
A,B
2 'polypeptide(L)'
;GGGSGGSKKDEHKQQGELYMWDSIDQKWTRHFCAIADAKLSFSDDIEQTMEEDNPLGSLCRGILDLNTYNVVKAPQGKNQ
KSFVFILEPKQQGDPPVEFATDRVEELFEWFQSIREITWKIDTK
;
C
3 'polypeptide(L)'
;GGGSGGSKKDEHKQQGELYMWDSIDQKWTRHFCAIADAKLSFSDDIEQTMEEDNPLGSLCRGILDLNTYNVVKAPQGKNQ
KSFVFILEPKQQGDPPVEFATDKVEELFEWFQSIREITWKIDTK
;
D
#
# COMPACT_ATOMS: atom_id res chain seq x y z
N SER A 7 22.36 10.52 -8.55
CA SER A 7 21.15 9.74 -8.28
C SER A 7 21.23 8.92 -6.98
N GLN A 8 22.43 8.52 -6.58
CA GLN A 8 22.60 7.72 -5.36
C GLN A 8 21.99 6.33 -5.49
N ALA A 9 22.86 5.33 -5.54
CA ALA A 9 22.40 3.95 -5.62
C ALA A 9 21.86 3.48 -4.28
N ILE A 10 20.68 2.86 -4.31
CA ILE A 10 20.09 2.24 -3.13
C ILE A 10 19.80 0.79 -3.49
N LYS A 11 20.38 -0.16 -2.76
CA LYS A 11 20.12 -1.59 -2.97
C LYS A 11 19.00 -2.12 -2.05
N CYS A 12 18.01 -2.80 -2.62
CA CYS A 12 16.86 -3.31 -1.88
C CYS A 12 16.60 -4.78 -2.20
N VAL A 13 16.56 -5.61 -1.16
CA VAL A 13 16.36 -7.05 -1.33
C VAL A 13 15.02 -7.48 -0.74
N VAL A 14 14.31 -8.32 -1.48
CA VAL A 14 12.99 -8.77 -1.09
C VAL A 14 13.03 -10.26 -0.73
N VAL A 15 12.78 -10.56 0.54
CA VAL A 15 12.78 -11.96 1.01
C VAL A 15 11.46 -12.33 1.67
N GLY A 16 11.20 -13.62 1.79
CA GLY A 16 9.94 -14.09 2.35
C GLY A 16 9.43 -15.37 1.71
N ASP A 17 8.48 -16.00 2.40
CA ASP A 17 8.01 -17.34 2.05
C ASP A 17 7.59 -17.53 0.61
N VAL A 18 7.69 -18.79 0.16
CA VAL A 18 7.20 -19.19 -1.13
C VAL A 18 5.81 -18.61 -1.39
N ALA A 19 5.64 -18.08 -2.60
CA ALA A 19 4.34 -17.63 -3.11
C ALA A 19 3.64 -16.51 -2.33
N VAL A 20 4.38 -15.80 -1.49
CA VAL A 20 3.82 -14.65 -0.81
C VAL A 20 3.67 -13.43 -1.71
N GLY A 21 4.14 -13.53 -2.94
CA GLY A 21 3.95 -12.45 -3.91
C GLY A 21 5.06 -11.43 -3.99
N LYS A 22 6.28 -11.86 -3.73
CA LYS A 22 7.45 -10.99 -3.86
C LYS A 22 7.68 -10.52 -5.31
N THR A 23 7.64 -11.45 -6.25
CA THR A 23 7.94 -11.12 -7.64
C THR A 23 6.88 -10.14 -8.19
N CYS A 24 5.60 -10.48 -7.98
CA CYS A 24 4.53 -9.60 -8.42
C CYS A 24 4.68 -8.18 -7.88
N LEU A 25 5.04 -8.04 -6.62
CA LEU A 25 5.27 -6.72 -6.03
C LEU A 25 6.31 -5.94 -6.87
N LEU A 26 7.43 -6.58 -7.15
CA LEU A 26 8.50 -5.91 -7.90
C LEU A 26 8.07 -5.60 -9.32
N ILE A 27 7.37 -6.53 -9.96
CA ILE A 27 7.08 -6.40 -11.38
C ILE A 27 5.92 -5.46 -11.63
N SER A 28 4.95 -5.51 -10.74
CA SER A 28 3.82 -4.61 -10.79
C SER A 28 4.24 -3.17 -10.49
N TYR A 29 5.14 -2.98 -9.53
CA TYR A 29 5.68 -1.64 -9.27
C TYR A 29 6.56 -1.12 -10.40
N THR A 30 7.35 -1.99 -11.02
CA THR A 30 8.30 -1.53 -12.03
C THR A 30 7.68 -1.44 -13.40
N THR A 31 6.70 -2.30 -13.68
CA THR A 31 6.04 -2.29 -14.99
C THR A 31 4.50 -2.05 -14.92
N ASN A 32 3.94 -1.73 -13.74
CA ASN A 32 2.48 -1.52 -13.59
C ASN A 32 1.68 -2.58 -14.32
N ALA A 33 2.32 -3.70 -14.58
CA ALA A 33 1.64 -4.82 -15.19
C ALA A 33 1.77 -5.97 -14.22
N PHE A 34 0.68 -6.71 -14.03
CA PHE A 34 0.67 -7.83 -13.09
C PHE A 34 0.90 -9.14 -13.83
N PRO A 35 1.94 -9.88 -13.43
CA PRO A 35 2.36 -11.13 -14.09
C PRO A 35 1.46 -12.30 -13.70
N GLY A 36 1.10 -13.10 -14.71
CA GLY A 36 0.20 -14.22 -14.50
C GLY A 36 0.69 -15.47 -15.19
N GLU A 37 1.99 -15.48 -15.42
CA GLU A 37 2.92 -16.44 -14.85
C GLU A 37 2.43 -17.72 -14.17
N TYR A 38 2.22 -17.56 -12.86
CA TYR A 38 3.07 -18.15 -11.81
C TYR A 38 4.00 -19.29 -12.20
N ILE A 39 5.64 -18.26 -11.70
CA ILE A 39 6.87 -18.97 -12.00
C ILE A 39 7.79 -18.83 -10.80
N PRO A 40 7.94 -19.92 -10.02
CA PRO A 40 8.84 -19.91 -8.88
C PRO A 40 10.17 -19.26 -9.24
N THR A 41 10.71 -18.48 -8.31
CA THR A 41 11.91 -17.70 -8.52
C THR A 41 13.17 -18.37 -7.99
N VAL A 42 14.27 -18.22 -8.76
CA VAL A 42 15.59 -18.60 -8.28
C VAL A 42 16.25 -17.35 -7.76
N PHE A 43 16.57 -16.44 -8.66
CA PHE A 43 16.91 -15.08 -8.28
C PHE A 43 16.65 -14.24 -9.52
N ASP A 44 16.57 -12.93 -9.32
CA ASP A 44 16.28 -11.99 -10.41
C ASP A 44 16.61 -10.53 -10.03
N ASN A 45 16.87 -9.72 -11.04
CA ASN A 45 17.28 -8.34 -10.79
C ASN A 45 16.35 -7.39 -11.50
N TYR A 46 16.14 -6.22 -10.92
CA TYR A 46 15.20 -5.24 -11.47
C TYR A 46 15.69 -3.87 -11.08
N SER A 47 15.19 -2.86 -11.76
CA SER A 47 15.68 -1.51 -11.57
C SER A 47 14.54 -0.52 -11.54
N ALA A 48 14.76 0.59 -10.87
CA ALA A 48 13.86 1.74 -11.01
C ALA A 48 14.66 2.98 -10.74
N ASN A 49 14.37 4.04 -11.49
CA ASN A 49 14.93 5.35 -11.18
C ASN A 49 13.80 6.26 -10.69
N VAL A 50 13.91 6.73 -9.46
CA VAL A 50 12.79 7.40 -8.83
C VAL A 50 13.24 8.71 -8.27
N MET A 51 12.29 9.60 -8.03
CA MET A 51 12.56 10.74 -7.19
C MET A 51 11.99 10.46 -5.80
N VAL A 52 12.57 11.10 -4.80
CA VAL A 52 12.08 10.94 -3.44
C VAL A 52 13.05 11.68 -2.51
N ASP A 53 10.70 12.92 -2.58
CA ASP A 53 11.28 13.95 -1.73
C ASP A 53 12.39 14.74 -2.43
N SER A 54 12.08 15.31 -3.58
CA SER A 54 12.94 16.30 -4.17
C SER A 54 14.39 15.81 -4.14
N LYS A 55 16.86 14.69 -4.21
CA LYS A 55 16.75 13.32 -3.76
C LYS A 55 16.41 12.36 -4.91
N PRO A 56 17.17 12.44 -6.01
CA PRO A 56 16.92 11.49 -7.09
C PRO A 56 17.59 10.19 -6.70
N VAL A 57 16.94 9.05 -6.90
CA VAL A 57 17.55 7.76 -6.54
C VAL A 57 17.67 6.68 -7.64
N ASN A 58 18.71 5.83 -7.49
CA ASN A 58 18.83 4.60 -8.28
C ASN A 58 18.91 3.36 -7.40
N LEU A 59 17.22 2.59 -8.01
CA LEU A 59 16.83 1.64 -6.99
C LEU A 59 17.15 0.30 -7.58
N GLY A 60 18.09 -0.41 -6.95
CA GLY A 60 18.41 -1.77 -7.30
C GLY A 60 17.51 -2.71 -6.55
N LEU A 61 16.79 -3.54 -7.28
CA LEU A 61 15.84 -4.46 -6.68
C LEU A 61 16.23 -5.92 -6.91
N TRP A 62 16.36 -6.66 -5.81
CA TRP A 62 16.80 -8.04 -5.86
C TRP A 62 15.71 -9.00 -5.45
N ASP A 63 15.26 -9.81 -6.39
CA ASP A 63 14.22 -10.76 -6.09
C ASP A 63 14.95 -12.04 -5.66
N THR A 64 14.55 -12.59 -4.51
CA THR A 64 15.13 -13.82 -3.98
C THR A 64 14.14 -14.97 -4.05
N ALA A 65 14.63 -16.20 -3.88
CA ALA A 65 13.75 -17.37 -3.88
C ALA A 65 13.16 -17.66 -2.51
N GLY A 66 11.90 -18.06 -2.50
CA GLY A 66 11.21 -18.41 -1.27
C GLY A 66 11.50 -19.82 -0.82
N GLN A 67 11.61 -20.74 -1.78
CA GLN A 67 11.98 -22.13 -1.53
C GLN A 67 13.24 -22.27 -0.70
N GLU A 68 13.21 -23.15 0.30
CA GLU A 68 14.35 -23.30 1.18
C GLU A 68 15.47 -24.01 0.46
N ASP A 69 15.13 -24.77 -0.57
CA ASP A 69 16.16 -25.40 -1.43
C ASP A 69 17.25 -24.41 -1.85
N TYR A 70 16.86 -23.17 -2.08
CA TYR A 70 17.84 -22.19 -2.52
C TYR A 70 18.43 -21.43 -1.35
N ASP A 71 18.38 -22.04 -0.17
CA ASP A 71 18.90 -21.40 1.04
C ASP A 71 20.38 -21.06 0.98
N ARG A 72 21.13 -21.78 0.17
CA ARG A 72 22.56 -21.51 0.00
C ARG A 72 22.80 -20.35 -0.96
N LEU A 73 21.94 -20.24 -1.98
CA LEU A 73 21.98 -19.14 -2.96
C LEU A 73 21.63 -17.80 -2.32
N ARG A 74 20.49 -17.80 -1.63
CA ARG A 74 19.86 -16.55 -1.21
C ARG A 74 20.81 -15.52 -0.61
N PRO A 75 21.60 -15.91 0.41
CA PRO A 75 22.48 -14.94 1.08
C PRO A 75 23.53 -14.32 0.14
N LEU A 76 23.77 -14.92 -1.02
CA LEU A 76 24.63 -14.28 -2.00
C LEU A 76 24.14 -12.86 -2.37
N SER A 77 22.82 -12.63 -2.34
CA SER A 77 22.25 -11.31 -2.63
C SER A 77 22.47 -10.28 -1.52
N TYR A 78 22.85 -10.72 -0.32
CA TYR A 78 22.82 -9.83 0.86
C TYR A 78 23.94 -8.80 1.05
N PRO A 79 25.13 -9.08 0.52
CA PRO A 79 26.19 -8.07 0.67
C PRO A 79 25.84 -6.68 0.12
N GLN A 80 26.15 -5.66 0.91
CA GLN A 80 25.98 -4.29 0.50
C GLN A 80 24.52 -3.80 0.54
N THR A 81 23.59 -4.69 0.88
CA THR A 81 22.19 -4.30 0.96
C THR A 81 21.97 -3.10 1.85
N ASP A 82 21.11 -2.18 1.40
CA ASP A 82 20.84 -0.96 2.14
C ASP A 82 19.55 -1.08 2.95
N VAL A 83 18.60 -1.85 2.40
CA VAL A 83 17.29 -1.97 2.99
C VAL A 83 16.65 -3.29 2.56
N PHE A 84 15.99 -3.96 3.51
CA PHE A 84 15.30 -5.20 3.22
C PHE A 84 13.79 -5.07 3.25
N LEU A 85 13.14 -5.84 2.38
CA LEU A 85 11.69 -5.99 2.42
C LEU A 85 11.41 -7.39 2.88
N ILE A 86 10.95 -7.56 4.12
CA ILE A 86 10.54 -8.88 4.55
C ILE A 86 9.05 -8.97 4.33
N CYS A 87 8.64 -10.00 3.60
CA CYS A 87 7.27 -10.09 3.15
C CYS A 87 6.56 -11.32 3.72
N PHE A 88 5.27 -11.15 3.99
CA PHE A 88 4.40 -12.27 4.25
C PHE A 88 3.06 -12.00 3.61
N SER A 89 2.35 -13.05 3.25
CA SER A 89 0.98 -12.94 2.79
C SER A 89 0.07 -13.05 4.01
N LEU A 90 -0.86 -11.44 3.86
CA LEU A 90 -1.91 -11.22 4.82
C LEU A 90 -2.88 -12.39 4.88
N VAL A 91 -2.90 -13.23 3.85
CA VAL A 91 -3.84 -14.35 3.85
C VAL A 91 -3.14 -15.70 4.02
N SER A 92 -2.00 -15.67 4.69
CA SER A 92 -1.22 -16.88 4.89
C SER A 92 -0.20 -16.67 5.99
N PRO A 93 -1.13 -17.35 7.56
CA PRO A 93 -0.47 -17.12 8.85
C PRO A 93 0.80 -17.93 8.94
N ALA A 94 0.99 -18.88 8.03
CA ALA A 94 2.25 -19.63 8.02
C ALA A 94 3.39 -18.67 7.71
N SER A 95 3.22 -17.91 6.63
CA SER A 95 4.25 -17.01 6.15
C SER A 95 4.51 -15.92 7.17
N TYR A 96 3.48 -15.62 7.95
CA TYR A 96 3.58 -14.59 8.98
C TYR A 96 4.48 -15.13 10.09
N GLU A 97 4.27 -16.39 10.45
CA GLU A 97 5.02 -17.00 11.54
C GLU A 97 6.47 -17.15 11.09
N ASN A 98 6.66 -17.57 9.85
CA ASN A 98 8.01 -17.75 9.32
C ASN A 98 8.91 -16.51 9.35
N VAL A 99 8.31 -15.32 9.30
CA VAL A 99 9.06 -14.07 9.55
C VAL A 99 9.85 -14.12 10.86
N ARG A 100 9.23 -14.55 11.95
CA ARG A 100 9.91 -14.61 13.26
C ARG A 100 10.83 -15.83 13.36
N ALA A 101 10.37 -16.95 12.78
CA ALA A 101 11.17 -18.16 12.72
C ALA A 101 12.39 -18.04 11.78
N LYS A 102 12.17 -17.86 10.48
CA LYS A 102 13.28 -17.89 9.52
C LYS A 102 13.82 -16.54 9.07
N TRP A 103 12.96 -15.73 8.47
CA TRP A 103 13.41 -14.61 7.63
C TRP A 103 14.13 -13.50 8.35
N PHE A 104 13.63 -13.13 9.51
CA PHE A 104 14.26 -12.08 10.28
C PHE A 104 15.56 -12.57 10.93
N PRO A 105 15.58 -13.83 11.41
CA PRO A 105 16.85 -14.38 11.90
C PRO A 105 17.89 -14.48 10.77
N GLU A 106 17.55 -15.14 9.67
CA GLU A 106 18.45 -15.19 8.52
C GLU A 106 18.96 -13.81 8.11
N VAL A 107 18.04 -12.88 7.89
CA VAL A 107 18.45 -11.54 7.51
C VAL A 107 19.40 -10.91 8.51
N ARG A 108 19.13 -11.07 9.80
CA ARG A 108 19.99 -10.47 10.82
C ARG A 108 21.30 -11.25 11.00
N HIS A 109 21.28 -12.54 10.69
CA HIS A 109 22.51 -13.30 10.75
C HIS A 109 23.54 -12.68 9.83
N HIS A 110 23.10 -12.28 8.64
CA HIS A 110 23.99 -11.74 7.62
C HIS A 110 24.15 -10.22 7.71
N CYS A 111 23.06 -9.51 7.91
CA CYS A 111 23.12 -8.06 7.89
C CYS A 111 22.55 -7.47 9.16
N PRO A 112 23.36 -7.50 10.22
CA PRO A 112 23.04 -7.08 11.59
C PRO A 112 22.51 -5.66 11.69
N SER A 113 22.61 -4.85 10.66
CA SER A 113 22.42 -3.43 10.89
C SER A 113 21.47 -2.71 9.91
N THR A 114 21.12 -3.35 8.80
CA THR A 114 20.38 -2.66 7.74
C THR A 114 18.87 -2.58 8.00
N PRO A 115 18.29 -1.42 7.76
CA PRO A 115 16.86 -1.23 7.98
C PRO A 115 16.03 -2.37 7.37
N ILE A 116 14.97 -2.76 8.05
CA ILE A 116 14.01 -3.72 7.53
C ILE A 116 12.65 -3.07 7.40
N ILE A 117 11.90 -3.52 6.42
CA ILE A 117 10.57 -3.00 6.22
C ILE A 117 9.57 -4.14 6.10
N LEU A 118 8.79 -4.37 7.14
CA LEU A 118 7.89 -5.51 7.11
C LEU A 118 6.72 -5.19 6.21
N VAL A 119 6.40 -6.14 5.33
CA VAL A 119 5.38 -5.92 4.34
C VAL A 119 4.36 -7.03 4.25
N GLY A 120 3.10 -6.67 4.44
CA GLY A 120 2.02 -7.61 4.31
C GLY A 120 1.42 -7.50 2.94
N THR A 121 1.31 -8.64 2.27
CA THR A 121 0.98 -8.66 0.86
C THR A 121 -0.35 -9.33 0.63
N LYS A 122 -0.89 -9.14 -0.56
CA LYS A 122 -2.18 -9.71 -0.95
C LYS A 122 -3.33 -9.07 -0.17
N LEU A 123 -3.11 -7.79 0.17
CA LEU A 123 -4.06 -6.97 0.90
C LEU A 123 -5.49 -7.09 0.36
N ASP A 124 -5.61 -7.38 -0.93
CA ASP A 124 -6.90 -7.48 -1.60
C ASP A 124 -7.66 -8.77 -1.26
N LEU A 125 -6.96 -9.74 -0.67
CA LEU A 125 -7.60 -11.00 -0.32
C LEU A 125 -7.97 -10.99 1.15
N ARG A 126 -7.48 -9.99 1.87
CA ARG A 126 -7.78 -9.80 3.28
C ARG A 126 -9.28 -9.99 3.54
N ASP A 127 -10.11 -9.21 2.84
CA ASP A 127 -11.56 -9.25 3.02
C ASP A 127 -12.25 -10.02 1.90
N ASP A 128 -11.61 -11.09 1.42
CA ASP A 128 -12.16 -11.87 0.32
C ASP A 128 -12.99 -13.05 0.82
N LYS A 129 -14.24 -13.11 0.36
CA LYS A 129 -15.16 -14.16 0.79
C LYS A 129 -14.59 -15.56 0.55
N ASP A 130 -14.20 -15.82 -0.70
CA ASP A 130 -13.83 -17.16 -1.15
C ASP A 130 -12.63 -17.76 -0.44
N THR A 131 -11.46 -16.24 0.11
CA THR A 131 -10.30 -16.70 0.84
C THR A 131 -10.63 -17.04 2.30
N ILE A 132 -11.37 -16.15 2.99
CA ILE A 132 -11.66 -16.36 4.41
C ILE A 132 -12.36 -17.70 4.61
N GLU A 133 -13.08 -18.13 3.58
CA GLU A 133 -13.72 -19.44 3.63
C GLU A 133 -12.68 -20.53 3.81
N LYS A 134 -11.80 -20.70 2.83
CA LYS A 134 -10.78 -21.76 2.86
C LYS A 134 -9.86 -21.60 4.06
N LEU A 135 -9.50 -20.36 4.37
CA LEU A 135 -8.69 -20.11 5.54
C LEU A 135 -9.36 -20.63 6.82
N LYS A 136 -10.57 -20.17 7.07
CA LYS A 136 -11.27 -20.53 8.30
C LYS A 136 -11.56 -22.02 8.40
N GLU A 137 -11.42 -22.96 6.75
CA GLU A 137 -11.57 -24.39 6.86
C GLU A 137 -10.34 -25.06 7.47
N LYS A 138 -9.26 -24.32 7.72
CA LYS A 138 -8.10 -24.89 8.39
C LYS A 138 -8.05 -24.36 9.82
N LYS A 139 -9.20 -23.88 10.31
CA LYS A 139 -9.27 -23.21 11.60
C LYS A 139 -8.29 -22.03 11.66
N LEU A 140 -8.15 -21.34 10.53
CA LEU A 140 -7.26 -20.18 10.42
C LEU A 140 -7.96 -18.85 10.09
N ALA A 141 -7.19 -17.77 10.16
CA ALA A 141 -7.74 -16.45 9.91
C ALA A 141 -6.71 -15.53 9.27
N PRO A 142 -7.13 -14.75 8.26
CA PRO A 142 -6.28 -13.71 7.69
C PRO A 142 -5.60 -12.93 8.80
N ILE A 143 -4.39 -12.45 8.52
CA ILE A 143 -3.69 -11.59 9.46
C ILE A 143 -4.26 -10.18 9.43
N THR A 144 -4.38 -9.55 10.58
CA THR A 144 -5.04 -8.27 10.66
C THR A 144 -4.03 -7.16 10.79
N TYR A 145 -4.45 -5.94 10.50
CA TYR A 145 -3.55 -4.80 10.65
C TYR A 145 -2.84 -4.71 12.02
N PRO A 146 -3.57 -4.92 13.14
CA PRO A 146 -2.92 -4.85 14.47
C PRO A 146 -1.93 -6.00 14.65
N GLN A 147 -2.24 -7.17 14.12
CA GLN A 147 -1.33 -8.30 14.15
C GLN A 147 -0.01 -7.99 13.41
N GLY A 148 -0.14 -7.47 12.19
CA GLY A 148 1.06 -7.16 11.42
C GLY A 148 1.86 -6.12 12.15
N LEU A 149 1.14 -5.17 12.74
CA LEU A 149 1.77 -4.06 13.43
C LEU A 149 2.62 -4.54 14.57
N ALA A 150 2.22 -5.69 15.14
CA ALA A 150 2.83 -6.21 16.36
C ALA A 150 4.07 -7.02 15.98
N LEU A 151 3.99 -7.68 14.82
CA LEU A 151 5.15 -8.39 14.31
C LEU A 151 6.27 -7.43 13.98
N ALA A 152 5.89 -6.28 13.46
CA ALA A 152 6.85 -5.23 13.20
C ALA A 152 7.57 -4.82 14.46
N LYS A 153 6.84 -4.66 15.57
CA LYS A 153 7.44 -4.14 16.82
C LYS A 153 8.65 -4.93 17.32
N GLU A 154 7.96 -6.75 17.20
CA GLU A 154 8.94 -7.72 17.69
C GLU A 154 10.28 -7.63 16.95
N ILE A 155 10.24 -7.40 15.64
CA ILE A 155 11.47 -7.42 14.86
C ILE A 155 12.09 -6.04 14.69
N ASP A 156 11.45 -5.03 15.26
CA ASP A 156 12.01 -3.68 15.20
C ASP A 156 12.24 -3.26 13.73
N SER A 157 11.26 -3.56 12.88
CA SER A 157 11.27 -3.12 11.50
C SER A 157 11.03 -1.64 11.46
N VAL A 158 11.70 -0.94 10.54
CA VAL A 158 11.56 0.50 10.41
C VAL A 158 10.11 0.88 10.11
N LYS A 159 9.38 -0.06 9.54
CA LYS A 159 8.00 0.24 9.22
C LYS A 159 7.18 -0.97 8.78
N TYR A 160 5.86 -0.94 9.03
CA TYR A 160 4.99 -2.02 8.58
C TYR A 160 4.03 -1.46 7.55
N LEU A 161 3.88 -2.18 6.45
CA LEU A 161 3.10 -1.67 5.34
C LEU A 161 2.36 -2.85 4.76
N GLU A 162 1.10 -2.64 4.42
CA GLU A 162 0.32 -3.65 3.76
C GLU A 162 0.04 -3.10 2.39
N CYS A 163 -0.24 -4.01 1.45
CA CYS A 163 -0.37 -3.64 0.04
C CYS A 163 -0.84 -4.81 -0.81
N SER A 164 -1.40 -4.48 -1.98
CA SER A 164 -1.76 -5.46 -2.99
C SER A 164 -1.02 -5.10 -4.27
N ALA A 165 -0.31 -6.06 -4.86
CA ALA A 165 0.34 -5.80 -6.15
C ALA A 165 -0.68 -5.82 -7.27
N LEU A 166 -1.75 -6.59 -7.08
CA LEU A 166 -2.76 -6.79 -8.11
C LEU A 166 -3.64 -5.57 -8.32
N THR A 167 -3.92 -4.86 -7.23
CA THR A 167 -4.76 -3.67 -7.29
C THR A 167 -3.86 -2.45 -7.20
N GLN A 168 -2.69 -2.64 -6.62
CA GLN A 168 -1.72 -1.57 -6.39
C GLN A 168 -2.01 -0.70 -5.17
N ARG A 169 -2.99 -1.08 -4.37
CA ARG A 169 -3.23 -0.35 -3.12
C ARG A 169 -1.97 -0.41 -2.28
N GLY A 170 -1.38 0.74 -2.00
CA GLY A 170 -0.24 0.83 -1.11
C GLY A 170 1.13 0.38 -1.64
N LEU A 171 1.19 0.07 -2.93
CA LEU A 171 2.43 -0.42 -3.54
C LEU A 171 3.56 0.63 -3.61
N LYS A 172 3.27 1.75 -4.27
CA LYS A 172 4.24 2.83 -4.40
C LYS A 172 4.78 3.14 -3.02
N THR A 173 3.91 3.07 -2.03
CA THR A 173 4.25 3.49 -0.67
C THR A 173 5.29 2.58 -0.03
N VAL A 174 5.23 1.28 -0.34
CA VAL A 174 6.25 0.35 0.15
C VAL A 174 7.65 0.76 -0.28
N PHE A 175 7.79 1.13 -1.54
CA PHE A 175 9.09 1.46 -2.06
C PHE A 175 9.48 2.89 -1.72
N ASP A 176 8.53 3.81 -1.84
CA ASP A 176 8.80 5.22 -1.59
C ASP A 176 9.22 5.38 -0.15
N GLU A 177 8.39 3.61 1.58
CA GLU A 177 9.30 4.15 2.59
C GLU A 177 10.62 3.38 2.63
N ALA A 178 10.77 2.41 1.74
CA ALA A 178 12.04 1.68 1.66
C ALA A 178 13.20 2.64 1.38
N ILE A 179 13.00 3.57 0.44
CA ILE A 179 14.03 4.56 0.13
C ILE A 179 14.23 5.59 1.24
N ARG A 180 13.14 5.97 1.90
CA ARG A 180 13.22 6.96 2.97
C ARG A 180 13.95 6.37 4.17
N ALA A 181 13.86 5.06 4.32
CA ALA A 181 14.57 4.37 5.40
C ALA A 181 16.07 4.39 5.18
N VAL A 182 16.49 4.74 3.96
CA VAL A 182 17.89 4.76 3.63
C VAL A 182 18.52 6.17 3.67
N LEU A 183 18.05 7.09 2.84
CA LEU A 183 18.69 8.41 2.81
C LEU A 183 18.02 9.44 3.71
N GLN B 8 -24.14 -6.86 -0.86
CA GLN B 8 -25.19 -5.97 -0.40
C GLN B 8 -24.64 -4.74 0.31
N ALA B 9 -24.73 -3.59 -0.34
CA ALA B 9 -24.23 -2.34 0.24
C ALA B 9 -25.16 -1.85 1.34
N ILE B 10 -24.57 -1.49 2.47
CA ILE B 10 -25.31 -0.93 3.60
C ILE B 10 -24.61 0.37 3.99
N LYS B 11 -25.35 1.48 3.92
CA LYS B 11 -24.77 2.78 4.27
C LYS B 11 -25.11 3.15 5.73
N CYS B 12 -24.10 3.58 6.48
CA CYS B 12 -24.25 3.89 7.90
C CYS B 12 -23.64 5.24 8.25
N VAL B 13 -24.44 6.11 8.88
CA VAL B 13 -23.95 7.44 9.20
C VAL B 13 -23.90 7.66 10.70
N VAL B 14 -22.82 8.28 11.15
CA VAL B 14 -22.57 8.46 12.57
C VAL B 14 -22.67 9.94 12.93
N VAL B 15 -23.69 10.31 13.70
CA VAL B 15 -23.89 11.68 14.12
C VAL B 15 -23.94 11.83 15.65
N GLY B 16 -23.82 13.06 16.13
CA GLY B 16 -23.70 13.29 17.55
C GLY B 16 -22.73 14.39 17.96
N ASP B 17 -22.87 14.84 19.20
CA ASP B 17 -22.14 15.99 19.71
C ASP B 17 -20.63 15.97 19.54
N VAL B 18 -20.07 17.16 19.48
CA VAL B 18 -18.63 17.32 19.48
C VAL B 18 -17.96 16.39 20.49
N ALA B 19 -16.86 15.78 20.07
CA ALA B 19 -15.95 15.00 20.93
C ALA B 19 -16.59 13.84 21.71
N VAL B 20 -17.78 13.42 21.32
CA VAL B 20 -18.39 12.22 21.91
C VAL B 20 -17.68 10.91 21.50
N GLY B 21 -16.74 10.99 20.57
CA GLY B 21 -15.98 9.82 20.18
C GLY B 21 -16.47 9.07 18.95
N LYS B 22 -17.10 9.78 18.02
CA LYS B 22 -17.57 9.16 16.80
C LYS B 22 -16.41 8.62 15.94
N THR B 23 -15.37 9.44 15.77
CA THR B 23 -14.26 9.08 14.87
C THR B 23 -13.54 7.84 15.41
N CYS B 24 -13.19 7.90 16.69
CA CYS B 24 -12.53 6.77 17.33
C CYS B 24 -13.32 5.48 17.20
N LEU B 25 -14.64 5.55 17.35
CA LEU B 25 -15.48 4.37 17.18
C LEU B 25 -15.26 3.75 15.79
N LEU B 26 -15.37 4.56 14.75
CA LEU B 26 -15.20 4.09 13.38
C LEU B 26 -13.78 3.58 13.18
N ILE B 27 -12.80 4.34 13.68
CA ILE B 27 -11.39 4.01 13.53
C ILE B 27 -11.05 2.75 14.32
N SER B 28 -11.46 2.73 15.59
CA SER B 28 -11.18 1.61 16.48
C SER B 28 -11.79 0.29 15.99
N TYR B 29 -12.92 0.39 15.28
CA TYR B 29 -13.56 -0.78 14.70
C TYR B 29 -12.97 -1.20 13.34
N THR B 30 -12.57 -0.23 12.52
CA THR B 30 -12.06 -0.53 11.19
C THR B 30 -10.57 -0.87 11.14
N THR B 31 -9.75 -0.24 11.99
CA THR B 31 -8.32 -0.52 11.99
C THR B 31 -7.73 -1.08 13.26
N ASN B 32 -9.04 -1.56 14.62
CA ASN B 32 -8.45 -2.03 15.86
C ASN B 32 -7.27 -1.21 16.37
N ALA B 33 -7.07 -0.02 15.80
CA ALA B 33 -6.08 0.88 16.36
C ALA B 33 -6.83 2.14 16.84
N PHE B 34 -6.46 2.63 18.02
CA PHE B 34 -7.12 3.80 18.60
C PHE B 34 -6.33 5.07 18.31
N PRO B 35 -6.97 6.03 17.66
CA PRO B 35 -6.34 7.28 17.22
C PRO B 35 -6.16 8.25 18.37
N GLY B 36 -5.01 8.91 18.44
CA GLY B 36 -4.87 10.00 19.38
C GLY B 36 -3.88 11.00 18.88
N GLU B 37 -4.04 11.58 17.69
CA GLU B 37 -5.11 12.51 17.28
C GLU B 37 -5.11 13.71 18.26
N TYR B 38 -6.17 14.05 18.99
CA TYR B 38 -7.54 14.31 18.58
C TYR B 38 -7.66 15.44 17.57
N ILE B 39 -8.45 15.17 16.51
CA ILE B 39 -8.63 16.05 15.35
C ILE B 39 -10.09 16.22 14.97
N PRO B 40 -10.68 17.39 15.29
CA PRO B 40 -12.08 17.68 14.94
C PRO B 40 -12.39 17.31 13.50
N THR B 41 -13.58 16.75 13.31
CA THR B 41 -14.04 16.31 12.01
C THR B 41 -15.04 17.35 11.49
N VAL B 42 -14.43 17.18 9.63
CA VAL B 42 -15.39 17.91 8.83
C VAL B 42 -16.34 16.89 8.28
N PHE B 43 -15.82 15.96 7.51
CA PHE B 43 -16.55 14.75 7.17
C PHE B 43 -15.48 13.78 6.80
N ASP B 44 -15.82 12.49 6.78
CA ASP B 44 -14.86 11.45 6.41
C ASP B 44 -15.57 10.15 5.99
N ASN B 45 -14.90 9.31 5.20
CA ASN B 45 -15.51 8.07 4.72
C ASN B 45 -14.65 6.88 5.09
N TYR B 46 -15.31 5.75 5.37
CA TYR B 46 -14.64 4.54 5.83
C TYR B 46 -15.38 3.36 5.27
N SER B 47 -14.74 2.21 5.32
CA SER B 47 -15.32 1.01 4.73
C SER B 47 -15.03 -0.21 5.58
N ALA B 48 -15.95 -1.17 5.54
CA ALA B 48 -15.70 -2.46 6.12
C ALA B 48 -16.48 -3.50 5.32
N ASN B 49 -15.88 -4.67 5.11
CA ASN B 49 -16.56 -5.80 4.49
C ASN B 49 -16.72 -6.87 5.55
N VAL B 50 -17.96 -7.19 5.90
CA VAL B 50 -18.21 -8.06 7.03
C VAL B 50 -19.09 -9.25 6.64
N VAL B 57 -21.95 -8.70 3.66
CA VAL B 57 -22.18 -7.26 3.71
C VAL B 57 -20.90 -6.54 3.35
N ASN B 58 -21.64 -4.84 2.47
CA ASN B 58 -20.54 -3.92 2.29
C ASN B 58 -20.86 -2.61 2.98
N LEU B 59 -20.14 -2.38 4.09
CA LEU B 59 -20.50 -1.35 5.05
C LEU B 59 -19.83 -0.04 4.73
N GLY B 60 -20.63 0.89 4.24
CA GLY B 60 -20.20 2.26 4.02
C GLY B 60 -20.38 3.05 5.30
N LEU B 61 -19.30 3.66 5.77
CA LEU B 61 -19.32 4.36 7.05
C LEU B 61 -19.02 5.84 6.88
N TRP B 62 -19.94 6.69 7.33
CA TRP B 62 -19.83 8.10 7.10
C TRP B 62 -19.65 8.80 8.41
N ASP B 63 -18.48 9.36 8.60
CA ASP B 63 -18.22 10.13 9.80
C ASP B 63 -18.68 11.57 9.53
N THR B 64 -19.50 12.12 10.43
CA THR B 64 -19.99 13.50 10.32
C THR B 64 -19.33 14.41 11.36
N ALA B 65 -19.44 15.72 11.18
CA ALA B 65 -18.89 16.66 12.16
C ALA B 65 -19.90 16.95 13.27
N GLY B 66 -19.40 17.03 14.50
CA GLY B 66 -20.21 17.37 15.65
C GLY B 66 -20.46 18.87 15.80
N GLN B 67 -19.48 19.69 15.40
CA GLN B 67 -19.59 21.16 15.45
C GLN B 67 -20.80 21.64 14.68
N GLU B 68 -21.56 22.57 15.26
CA GLU B 68 -22.76 23.05 14.61
C GLU B 68 -22.42 23.94 13.41
N ASP B 69 -21.22 24.52 13.41
CA ASP B 69 -20.73 25.26 12.25
C ASP B 69 -20.91 24.50 10.93
N TYR B 70 -20.73 23.19 10.97
CA TYR B 70 -20.91 22.40 9.76
C TYR B 70 -22.33 21.88 9.60
N ASP B 71 -23.28 22.54 10.27
CA ASP B 71 -24.69 22.12 10.19
C ASP B 71 -25.26 22.10 8.78
N ARG B 72 -24.70 22.92 7.89
CA ARG B 72 -25.14 22.96 6.50
C ARG B 72 -24.56 21.80 5.70
N LEU B 73 -23.32 21.40 6.04
CA LEU B 73 -22.61 20.26 5.43
C LEU B 73 -23.27 18.94 5.79
N ARG B 74 -23.49 18.75 7.08
CA ARG B 74 -23.84 17.44 7.62
C ARG B 74 -24.90 16.70 6.82
N PRO B 75 -26.05 17.35 6.58
CA PRO B 75 -27.17 16.66 5.92
C PRO B 75 -26.85 16.17 4.52
N LEU B 76 -25.75 16.67 3.94
CA LEU B 76 -25.30 16.17 2.64
C LEU B 76 -24.96 14.68 2.68
N SER B 77 -24.60 14.17 3.86
CA SER B 77 -24.32 12.73 4.01
C SER B 77 -25.57 11.87 4.11
N TYR B 78 -26.72 12.49 4.41
CA TYR B 78 -27.94 11.72 4.76
C TYR B 78 -28.68 10.98 3.61
N PRO B 79 -28.62 11.49 2.38
CA PRO B 79 -29.33 10.73 1.32
C PRO B 79 -28.95 9.25 1.20
N GLN B 80 -29.96 8.39 1.08
CA GLN B 80 -29.76 6.96 0.85
C GLN B 80 -29.34 6.17 2.09
N THR B 81 -29.12 6.86 3.21
CA THR B 81 -28.70 6.21 4.44
C THR B 81 -29.65 5.10 4.82
N ASP B 82 -29.09 3.98 5.27
CA ASP B 82 -29.86 2.80 5.62
C ASP B 82 -30.06 2.71 7.13
N VAL B 83 -29.07 3.20 7.87
CA VAL B 83 -29.08 3.10 9.32
C VAL B 83 -28.21 4.19 9.92
N PHE B 84 -28.70 4.79 11.00
CA PHE B 84 -27.98 5.83 11.71
C PHE B 84 -27.42 5.35 13.04
N LEU B 85 -26.29 5.91 13.43
CA LEU B 85 -25.75 5.73 14.77
C LEU B 85 -25.85 7.10 15.43
N ILE B 86 -26.77 7.25 16.37
CA ILE B 86 -26.78 8.51 17.12
C ILE B 86 -26.00 8.27 18.38
N CYS B 87 -24.98 9.09 18.58
CA CYS B 87 -24.05 8.87 19.68
C CYS B 87 -24.13 9.95 20.74
N PHE B 88 -23.90 9.55 22.00
CA PHE B 88 -23.61 10.51 23.05
C PHE B 88 -22.58 9.88 23.97
N SER B 89 -21.75 10.69 24.63
CA SER B 89 -20.86 10.16 25.66
C SER B 89 -21.59 9.87 26.99
N LEU B 90 -21.33 8.65 27.49
CA LEU B 90 -21.83 8.18 28.78
C LEU B 90 -21.32 9.08 29.90
N VAL B 91 -20.26 9.82 29.64
CA VAL B 91 -19.70 10.70 30.66
C VAL B 91 -19.90 12.17 30.27
N SER B 92 -20.99 12.44 29.56
CA SER B 92 -21.32 13.81 29.14
C SER B 92 -22.84 14.01 28.98
N PRO B 93 -23.56 14.37 30.10
CA PRO B 93 -25.01 14.52 30.04
C PRO B 93 -25.48 15.60 29.07
N ALA B 94 -24.58 16.50 28.68
CA ALA B 94 -24.96 17.49 27.70
C ALA B 94 -25.26 16.78 26.39
N SER B 95 -24.33 15.94 25.95
CA SER B 95 -24.46 15.23 24.68
C SER B 95 -25.66 14.28 24.73
N TYR B 96 -26.00 13.83 25.92
CA TYR B 96 -27.18 12.97 26.10
C TYR B 96 -28.44 13.78 25.85
N GLU B 97 -28.49 14.97 26.44
CA GLU B 97 -29.64 15.84 26.26
C GLU B 97 -29.76 16.25 24.79
N ASN B 98 -28.64 16.57 24.15
CA ASN B 98 -28.66 17.02 22.76
C ASN B 98 -29.25 16.01 21.75
N VAL B 99 -29.20 14.74 22.11
CA VAL B 99 -29.88 13.71 21.33
C VAL B 99 -31.38 14.05 21.14
N ARG B 100 -32.06 14.37 22.22
CA ARG B 100 -33.48 14.69 22.13
C ARG B 100 -33.68 16.11 21.58
N ALA B 101 -32.79 17.02 21.94
CA ALA B 101 -32.81 18.38 21.39
C ALA B 101 -32.47 18.45 19.89
N LYS B 102 -31.24 18.10 19.51
CA LYS B 102 -30.80 18.29 18.12
C LYS B 102 -30.82 17.05 17.25
N TRP B 103 -30.08 16.01 17.64
CA TRP B 103 -29.68 14.93 16.72
C TRP B 103 -30.81 14.07 16.17
N PHE B 104 -31.76 13.75 17.04
CA PHE B 104 -32.87 12.93 16.62
C PHE B 104 -33.87 13.75 15.80
N PRO B 105 -34.08 15.01 16.18
CA PRO B 105 -34.93 15.84 15.34
C PRO B 105 -34.31 16.04 13.96
N GLU B 106 -33.04 16.46 13.91
CA GLU B 106 -32.36 16.66 12.63
C GLU B 106 -32.39 15.41 11.78
N VAL B 107 -32.01 14.29 12.38
CA VAL B 107 -32.01 13.04 11.63
C VAL B 107 -33.40 12.70 11.08
N ARG B 108 -34.44 12.93 11.87
CA ARG B 108 -35.80 12.63 11.45
C ARG B 108 -36.32 13.64 10.43
N HIS B 109 -35.89 14.89 10.56
CA HIS B 109 -36.31 15.90 9.61
C HIS B 109 -35.93 15.44 8.21
N HIS B 110 -34.75 14.84 8.08
CA HIS B 110 -34.24 14.42 6.78
C HIS B 110 -34.64 13.00 6.41
N CYS B 111 -34.49 12.08 7.36
CA CYS B 111 -34.75 10.68 7.06
C CYS B 111 -35.79 10.09 8.00
N PRO B 112 -37.06 10.39 7.71
CA PRO B 112 -38.24 10.05 8.52
C PRO B 112 -38.39 8.56 8.76
N SER B 113 -37.61 7.72 8.09
CA SER B 113 -37.95 6.30 8.12
C SER B 113 -36.83 5.32 8.48
N THR B 114 -35.58 5.77 8.44
CA THR B 114 -34.46 4.84 8.55
C THR B 114 -34.14 4.46 10.02
N PRO B 115 -33.89 3.17 10.25
CA PRO B 115 -33.58 2.70 11.61
C PRO B 115 -32.53 3.58 12.31
N ILE B 116 -32.69 3.77 13.61
CA ILE B 116 -31.69 4.47 14.41
C ILE B 116 -31.14 3.53 15.47
N ILE B 117 -29.88 3.74 15.83
CA ILE B 117 -29.27 2.92 16.86
C ILE B 117 -28.59 3.84 17.86
N LEU B 118 -29.20 4.00 19.03
CA LEU B 118 -28.64 4.89 20.03
C LEU B 118 -27.42 4.25 20.65
N VAL B 119 -26.33 5.03 20.72
CA VAL B 119 -25.05 4.51 21.19
C VAL B 119 -24.38 5.36 22.26
N GLY B 120 -24.12 4.74 23.39
CA GLY B 120 -23.47 5.42 24.49
C GLY B 120 -22.01 5.05 24.47
N THR B 121 -21.18 6.09 24.44
CA THR B 121 -19.78 5.92 24.17
C THR B 121 -18.94 6.25 25.38
N LYS B 122 -17.67 5.84 25.35
CA LYS B 122 -16.73 6.11 26.41
C LYS B 122 -17.12 5.30 27.64
N LEU B 123 -17.67 4.11 27.35
CA LEU B 123 -18.13 3.18 28.39
C LEU B 123 -17.10 3.01 29.49
N ASP B 124 -15.84 3.16 29.13
CA ASP B 124 -14.72 2.89 30.02
C ASP B 124 -14.50 4.00 31.05
N LEU B 125 -15.16 5.14 30.83
CA LEU B 125 -15.01 6.26 31.76
C LEU B 125 -16.21 6.29 32.72
N ARG B 126 -17.20 5.45 32.43
CA ARG B 126 -18.41 5.36 33.24
C ARG B 126 -18.03 5.27 34.70
N ASP B 127 -17.20 4.28 35.02
CA ASP B 127 -16.81 4.02 36.39
C ASP B 127 -15.42 4.53 36.68
N ASP B 128 -15.04 5.65 36.07
CA ASP B 128 -13.71 6.21 36.25
C ASP B 128 -13.63 7.22 37.39
N LYS B 129 -12.75 6.96 38.34
CA LYS B 129 -12.62 7.81 39.52
C LYS B 129 -12.39 9.26 39.13
N ASP B 130 -11.38 9.47 38.31
CA ASP B 130 -10.96 10.81 37.91
C ASP B 130 -12.05 11.53 37.06
N THR B 131 -12.91 10.77 36.35
CA THR B 131 -14.04 11.39 35.62
C THR B 131 -15.21 11.73 36.55
N ILE B 132 -15.68 10.76 37.34
CA ILE B 132 -16.84 11.01 38.18
C ILE B 132 -16.53 12.18 39.11
N GLU B 133 -15.25 12.38 39.39
CA GLU B 133 -14.82 13.50 40.21
C GLU B 133 -15.21 14.81 39.53
N LYS B 134 -14.61 15.08 38.37
CA LYS B 134 -14.89 16.32 37.63
C LYS B 134 -16.36 16.46 37.29
N LEU B 135 -16.98 15.37 36.87
CA LEU B 135 -18.41 15.39 36.58
C LEU B 135 -19.21 15.88 37.78
N LYS B 136 -19.04 15.21 38.91
CA LYS B 136 -19.71 15.61 40.14
C LYS B 136 -19.45 17.09 40.45
N GLU B 137 -18.24 17.60 40.15
CA GLU B 137 -17.87 19.01 40.41
C GLU B 137 -18.73 20.03 39.65
N LYS B 138 -19.47 19.55 38.66
CA LYS B 138 -20.45 20.40 37.96
C LYS B 138 -21.85 20.02 38.43
N LYS B 139 -21.91 19.36 39.58
CA LYS B 139 -23.17 18.82 40.09
C LYS B 139 -23.79 17.90 39.05
N LEU B 140 -22.94 17.17 38.33
CA LEU B 140 -23.39 16.22 37.31
C LEU B 140 -23.06 14.75 37.60
N ALA B 141 -23.56 13.86 36.75
CA ALA B 141 -23.32 12.44 36.93
C ALA B 141 -23.28 11.74 35.59
N PRO B 142 -22.34 10.79 35.44
CA PRO B 142 -22.33 9.87 34.29
C PRO B 142 -23.73 9.33 34.01
N ILE B 143 -24.01 9.09 32.74
CA ILE B 143 -25.28 8.51 32.35
C ILE B 143 -25.25 7.02 32.64
N THR B 144 -26.37 6.48 33.09
CA THR B 144 -26.40 5.10 33.54
C THR B 144 -27.09 4.25 32.50
N TYR B 145 -26.87 2.95 32.60
CA TYR B 145 -27.54 2.06 31.67
C TYR B 145 -29.06 2.25 31.56
N PRO B 146 -29.78 2.41 32.71
CA PRO B 146 -31.23 2.61 32.67
C PRO B 146 -31.59 3.96 32.04
N GLN B 147 -30.83 5.01 32.36
CA GLN B 147 -31.00 6.29 31.64
C GLN B 147 -30.89 6.17 30.13
N GLY B 148 -29.85 5.49 29.64
CA GLY B 148 -29.65 5.39 28.21
C GLY B 148 -30.79 4.62 27.60
N LEU B 149 -31.21 3.59 28.32
CA LEU B 149 -32.27 2.72 27.85
C LEU B 149 -33.57 3.52 27.67
N ALA B 150 -33.75 4.55 28.49
CA ALA B 150 -34.99 5.32 28.50
C ALA B 150 -35.01 6.33 27.38
N LEU B 151 -33.83 6.87 27.05
CA LEU B 151 -33.69 7.75 25.90
C LEU B 151 -33.97 6.98 24.63
N ALA B 152 -33.54 5.73 24.56
CA ALA B 152 -33.79 4.90 23.41
C ALA B 152 -35.27 4.78 23.16
N LYS B 153 -36.03 4.55 24.25
CA LYS B 153 -37.47 4.41 24.16
C LYS B 153 -38.08 5.70 23.59
N GLU B 154 -37.76 6.84 24.22
CA GLU B 154 -38.28 8.15 23.76
C GLU B 154 -38.15 8.32 22.26
N ILE B 155 -36.99 7.95 21.71
CA ILE B 155 -36.72 8.17 20.29
C ILE B 155 -37.03 6.96 19.44
N ASP B 156 -37.47 5.88 20.08
CA ASP B 156 -37.87 4.71 19.35
C ASP B 156 -36.70 4.22 18.49
N SER B 157 -35.51 4.21 19.08
CA SER B 157 -34.34 3.66 18.41
C SER B 157 -34.47 2.15 18.37
N VAL B 158 -34.03 1.55 17.28
CA VAL B 158 -34.09 0.10 17.14
C VAL B 158 -33.37 -0.59 18.30
N LYS B 159 -32.43 0.12 18.93
CA LYS B 159 -31.61 -0.53 19.95
C LYS B 159 -30.69 0.45 20.68
N TYR B 160 -30.39 0.17 21.93
CA TYR B 160 -29.43 0.97 22.69
C TYR B 160 -28.21 0.14 23.03
N LEU B 161 -27.04 0.71 22.81
CA LEU B 161 -25.80 -0.03 22.99
C LEU B 161 -24.78 0.91 23.59
N GLU B 162 -24.05 0.42 24.55
CA GLU B 162 -22.98 1.18 25.13
C GLU B 162 -21.72 0.47 24.70
N CYS B 163 -20.62 1.21 24.75
CA CYS B 163 -19.35 0.69 24.24
C CYS B 163 -18.20 1.65 24.48
N SER B 164 -17.00 1.08 24.47
CA SER B 164 -15.76 1.86 24.52
C SER B 164 -14.94 1.53 23.31
N ALA B 165 -14.57 2.56 22.56
CA ALA B 165 -13.64 2.37 21.43
C ALA B 165 -12.21 2.08 21.88
N LEU B 166 -11.85 2.58 23.04
CA LEU B 166 -10.50 2.51 23.56
C LEU B 166 -10.16 1.11 24.06
N THR B 167 -11.12 0.47 24.69
CA THR B 167 -10.96 -0.87 25.21
C THR B 167 -11.58 -1.86 24.22
N GLN B 168 -12.55 -1.36 23.46
CA GLN B 168 -13.31 -2.16 22.48
C GLN B 168 -14.45 -2.99 23.06
N ARG B 169 -14.75 -2.79 24.35
CA ARG B 169 -15.91 -3.42 24.96
C ARG B 169 -17.14 -3.01 24.15
N GLY B 170 -17.84 -3.99 23.59
CA GLY B 170 -19.12 -3.78 22.92
C GLY B 170 -19.08 -3.07 21.58
N LEU B 171 -17.88 -2.88 21.04
CA LEU B 171 -17.73 -2.20 19.76
C LEU B 171 -18.24 -3.00 18.55
N LYS B 172 -17.69 -4.20 18.36
CA LYS B 172 -18.14 -5.09 17.29
C LYS B 172 -19.66 -5.18 17.28
N THR B 173 -20.23 -5.19 18.48
CA THR B 173 -21.66 -5.39 18.66
C THR B 173 -22.47 -4.20 18.11
N VAL B 174 -21.94 -2.98 18.25
CA VAL B 174 -22.64 -1.81 17.73
C VAL B 174 -22.88 -1.96 16.24
N PHE B 175 -21.84 -2.39 15.53
CA PHE B 175 -21.93 -2.48 14.09
C PHE B 175 -22.61 -3.76 13.65
N ASP B 176 -22.31 -4.86 14.32
CA ASP B 176 -22.90 -6.14 13.96
C ASP B 176 -24.39 -6.08 14.27
N GLU B 177 -25.35 -4.33 15.88
CA GLU B 177 -26.68 -4.62 15.39
C GLU B 177 -27.10 -3.62 14.32
N ALA B 178 -26.18 -2.74 13.93
CA ALA B 178 -26.48 -1.76 12.90
C ALA B 178 -26.87 -2.46 11.59
N ILE B 179 -26.05 -3.43 11.19
CA ILE B 179 -26.33 -4.21 10.00
C ILE B 179 -27.61 -5.06 10.13
N ARG B 180 -27.84 -5.61 11.32
CA ARG B 180 -28.99 -6.47 11.55
C ARG B 180 -30.28 -5.65 11.50
N ALA B 181 -30.17 -4.37 11.81
CA ALA B 181 -31.30 -3.47 11.72
C ALA B 181 -31.67 -3.17 10.27
N VAL B 182 -30.76 -3.51 9.36
CA VAL B 182 -31.00 -3.26 7.94
C VAL B 182 -31.47 -4.52 7.20
N LEU B 183 -30.64 -5.55 7.22
CA LEU B 183 -30.97 -6.82 6.57
C LEU B 183 -32.03 -7.58 7.37
N LYS C 13 -21.89 15.98 -15.39
CA LYS C 13 -21.61 15.28 -14.15
C LYS C 13 -20.83 16.18 -13.20
N GLN C 14 -19.57 15.84 -12.92
CA GLN C 14 -18.78 16.62 -11.98
C GLN C 14 -17.89 17.60 -12.71
N GLN C 15 -18.03 18.89 -12.39
CA GLN C 15 -17.29 19.92 -13.11
C GLN C 15 -17.20 21.15 -12.25
N GLY C 16 -16.25 22.02 -12.50
CA GLY C 16 -16.22 23.26 -11.75
C GLY C 16 -14.83 23.83 -11.56
N GLU C 17 -14.78 25.03 -11.01
CA GLU C 17 -13.50 25.67 -10.79
C GLU C 17 -12.84 25.16 -9.50
N LEU C 18 -11.53 24.93 -9.57
CA LEU C 18 -10.73 24.48 -8.44
C LEU C 18 -9.46 25.30 -8.41
N TYR C 19 -8.91 25.53 -7.23
CA TYR C 19 -7.56 26.02 -7.18
C TYR C 19 -6.67 24.80 -7.31
N MET C 20 -5.53 24.98 -7.96
CA MET C 20 -4.51 23.95 -8.03
C MET C 20 -3.23 24.55 -7.48
N TRP C 21 -2.41 23.72 -6.86
CA TRP C 21 -1.24 24.22 -6.16
C TRP C 21 0.04 23.93 -6.95
N ASP C 22 0.86 24.96 -7.14
CA ASP C 22 2.13 24.80 -7.85
C ASP C 22 3.27 24.62 -6.86
N SER C 23 3.82 23.42 -6.80
CA SER C 23 4.97 23.11 -5.95
C SER C 23 6.12 24.09 -6.23
N ILE C 24 6.32 24.43 -7.51
CA ILE C 24 7.45 25.25 -7.91
C ILE C 24 7.28 26.74 -7.61
N ASP C 25 6.16 27.32 -8.04
CA ASP C 25 5.91 28.75 -7.81
C ASP C 25 5.34 29.05 -6.43
N GLN C 26 4.91 28.00 -5.72
CA GLN C 26 4.37 28.16 -4.38
C GLN C 26 3.13 29.05 -4.37
N LYS C 27 2.26 28.83 -5.35
CA LYS C 27 1.08 29.65 -5.51
C LYS C 27 -0.08 28.74 -5.88
N TRP C 28 -1.29 29.22 -5.66
CA TRP C 28 -2.49 28.50 -6.04
C TRP C 28 -2.94 29.21 -7.30
N THR C 29 -3.57 28.50 -8.23
CA THR C 29 -4.12 29.14 -9.42
C THR C 29 -5.41 28.45 -9.76
N ARG C 30 -6.29 29.17 -10.45
CA ARG C 30 -7.64 28.71 -10.68
C ARG C 30 -7.75 28.01 -12.03
N HIS C 31 -8.51 26.92 -12.06
CA HIS C 31 -8.66 26.15 -13.26
C HIS C 31 -10.07 25.62 -13.31
N PHE C 32 -10.69 25.69 -14.46
CA PHE C 32 -11.92 24.97 -14.68
C PHE C 32 -11.56 23.52 -14.84
N CYS C 33 -12.19 22.66 -14.02
CA CYS C 33 -11.93 21.23 -14.09
C CYS C 33 -13.20 20.43 -14.28
N ALA C 34 -13.06 19.29 -14.95
CA ALA C 34 -14.19 18.40 -15.17
C ALA C 34 -13.80 16.89 -15.11
N ILE C 35 -14.80 16.03 -14.93
CA ILE C 35 -14.59 14.59 -14.86
C ILE C 35 -15.47 13.89 -15.88
N ALA C 36 -14.90 12.92 -16.56
CA ALA C 36 -15.65 12.13 -17.52
C ALA C 36 -15.09 10.71 -17.55
N ASP C 37 -15.97 9.72 -17.56
CA ASP C 37 -15.58 8.35 -17.22
C ASP C 37 -14.74 8.38 -15.95
N ALA C 38 -13.40 8.25 -16.09
CA ALA C 38 -12.52 8.31 -14.92
C ALA C 38 -11.27 9.14 -15.18
N LYS C 39 -11.42 10.15 -16.03
CA LYS C 39 -10.33 11.03 -16.35
C LYS C 39 -10.86 12.42 -16.24
N LEU C 40 -9.85 13.17 -14.87
CA LEU C 40 -10.08 14.54 -14.55
C LEU C 40 -9.28 15.42 -15.53
N SER C 41 -9.98 16.31 -16.25
CA SER C 41 -9.37 17.45 -16.89
C SER C 41 -9.67 18.62 -15.98
N PHE C 42 -7.85 19.48 -16.35
CA PHE C 42 -8.01 20.82 -15.81
C PHE C 42 -7.62 21.80 -16.89
N SER C 43 -8.26 22.96 -16.92
CA SER C 43 -7.95 23.96 -17.94
C SER C 43 -6.64 24.66 -17.62
N ASP C 44 -6.30 25.64 -18.44
CA ASP C 44 -5.26 26.59 -18.14
C ASP C 44 -5.70 27.53 -17.03
N ASP C 45 -4.77 28.34 -16.55
CA ASP C 45 -5.03 29.34 -15.53
C ASP C 45 -6.09 30.34 -16.02
N ILE C 46 -7.08 30.62 -15.18
CA ILE C 46 -8.20 31.46 -15.59
C ILE C 46 -7.94 32.96 -15.42
N GLU C 47 -7.20 33.34 -14.38
CA GLU C 47 -6.83 34.74 -14.18
C GLU C 47 -5.78 35.22 -15.20
N GLN C 48 -6.60 34.55 -17.69
CA GLN C 48 -7.11 34.94 -18.99
C GLN C 48 -7.09 36.46 -19.13
N THR C 49 -6.53 36.95 -20.24
CA THR C 49 -6.43 38.38 -20.52
C THR C 49 -7.71 39.11 -20.17
N MET C 50 -8.72 36.63 -21.38
CA MET C 50 -9.90 37.19 -22.03
C MET C 50 -9.51 37.60 -23.44
N GLU C 51 -8.58 36.87 -24.02
CA GLU C 51 -8.10 37.14 -25.38
C GLU C 51 -8.18 35.92 -26.30
N GLU C 52 -8.93 36.06 -27.40
CA GLU C 52 -9.14 34.98 -28.37
C GLU C 52 -7.90 34.33 -29.01
N ASP C 53 -8.09 33.11 -29.50
CA ASP C 53 -7.01 32.23 -29.97
C ASP C 53 -5.67 32.50 -29.31
N ASN C 54 -5.35 31.64 -28.35
CA ASN C 54 -4.26 31.87 -27.43
C ASN C 54 -3.70 30.55 -26.92
N PRO C 55 -2.39 30.33 -27.15
CA PRO C 55 -1.69 29.07 -26.82
C PRO C 55 -2.01 28.70 -25.38
N LEU C 56 -2.45 29.74 -24.68
CA LEU C 56 -2.63 29.66 -23.25
C LEU C 56 -4.07 29.63 -22.72
N GLY C 57 -5.10 29.89 -23.54
CA GLY C 57 -6.43 29.60 -23.03
C GLY C 57 -6.97 28.23 -23.40
N SER C 58 -6.34 27.17 -22.90
CA SER C 58 -6.86 25.83 -23.11
C SER C 58 -7.79 25.48 -21.95
N LEU C 59 -9.27 24.57 -22.56
CA LEU C 59 -10.16 24.02 -21.58
C LEU C 59 -9.42 22.87 -20.94
N CYS C 60 -8.48 22.29 -21.68
CA CYS C 60 -7.86 21.05 -21.26
C CYS C 60 -6.34 21.03 -21.40
N ARG C 61 -5.62 21.41 -20.35
CA ARG C 61 -4.18 21.68 -20.49
C ARG C 61 -3.33 20.42 -20.62
N GLY C 62 -3.97 19.59 -18.50
CA GLY C 62 -4.18 18.29 -19.09
C GLY C 62 -5.17 17.40 -18.38
N ILE C 63 -4.91 16.09 -18.45
CA ILE C 63 -5.85 15.07 -18.01
C ILE C 63 -5.19 14.08 -17.01
N LEU C 64 -5.78 13.88 -15.84
CA LEU C 64 -5.28 12.85 -14.91
C LEU C 64 -6.14 11.63 -15.06
N ASP C 65 -5.54 10.49 -14.79
CA ASP C 65 -6.22 9.21 -14.90
C ASP C 65 -6.53 8.72 -13.50
N LEU C 66 -7.76 9.02 -13.09
CA LEU C 66 -8.22 8.77 -11.74
C LEU C 66 -8.03 7.31 -11.31
N ASN C 67 -8.06 6.40 -12.27
CA ASN C 67 -7.78 5.00 -12.00
C ASN C 67 -6.41 4.78 -11.39
N THR C 68 -5.47 5.69 -11.63
CA THR C 68 -4.13 5.53 -11.09
C THR C 68 -3.91 6.41 -9.86
N TYR C 69 -5.01 6.87 -9.26
CA TYR C 69 -4.91 7.74 -8.11
C TYR C 69 -5.84 7.33 -6.93
N ASN C 70 -5.54 7.85 -5.75
CA ASN C 70 -6.44 7.81 -4.60
C ASN C 70 -6.66 9.22 -4.11
N VAL C 71 -7.90 9.59 -3.80
CA VAL C 71 -8.20 10.88 -3.19
C VAL C 71 -7.84 10.87 -1.71
N VAL C 72 -7.32 11.98 -1.23
CA VAL C 72 -7.06 12.11 0.19
C VAL C 72 -7.44 13.51 0.57
N LYS C 73 -8.23 13.66 1.63
CA LYS C 73 -8.61 14.97 2.07
C LYS C 73 -7.69 15.40 3.20
N ALA C 74 -7.11 16.59 3.06
CA ALA C 74 -6.33 17.21 4.13
C ALA C 74 -7.25 17.56 5.31
N PRO C 75 -6.92 17.01 6.51
CA PRO C 75 -7.73 17.18 7.73
C PRO C 75 -7.98 18.64 8.04
N GLN C 76 -6.93 19.46 7.90
CA GLN C 76 -7.03 20.85 8.27
C GLN C 76 -6.42 21.79 7.22
N GLY C 77 -6.53 21.40 5.95
CA GLY C 77 -6.04 22.25 4.88
C GLY C 77 -4.55 22.12 4.62
N LYS C 78 -4.03 23.04 3.82
CA LYS C 78 -2.64 23.02 3.40
C LYS C 78 -2.35 24.36 2.70
N ASN C 79 -1.23 24.98 3.04
CA ASN C 79 -0.80 26.19 2.35
C ASN C 79 -1.81 27.34 2.38
N GLN C 80 -2.34 27.61 3.57
CA GLN C 80 -3.10 28.84 3.88
C GLN C 80 -4.49 28.96 3.25
N LYS C 81 -5.12 27.19 2.31
CA LYS C 81 -6.49 26.95 1.95
C LYS C 81 -7.06 26.05 3.02
N SER C 82 -8.35 26.20 3.30
CA SER C 82 -9.01 25.40 4.33
C SER C 82 -9.48 24.08 3.77
N PHE C 83 -9.96 24.11 2.53
CA PHE C 83 -10.57 22.94 1.92
C PHE C 83 -9.74 22.42 0.79
N VAL C 84 -8.88 21.45 1.11
CA VAL C 84 -8.01 20.89 0.09
C VAL C 84 -8.08 19.37 0.06
N PHE C 85 -8.11 18.83 -1.16
CA PHE C 85 -7.90 17.40 -1.34
C PHE C 85 -6.75 17.15 -2.30
N ILE C 86 -6.21 15.94 -2.22
CA ILE C 86 -4.99 15.59 -2.93
C ILE C 86 -5.16 14.27 -3.69
N LEU C 87 -4.73 14.28 -4.94
CA LEU C 87 -4.69 13.05 -5.69
C LEU C 87 -3.31 12.40 -5.48
N GLU C 88 -3.27 11.39 -4.61
CA GLU C 88 -2.04 10.69 -4.24
C GLU C 88 -2.04 9.36 -4.95
N PRO C 89 -0.72 9.64 -6.44
CA PRO C 89 -0.52 8.55 -7.40
C PRO C 89 -0.40 7.19 -6.74
N LYS C 90 -0.90 6.14 -7.40
CA LYS C 90 -0.62 4.78 -6.97
C LYS C 90 0.65 4.26 -7.65
N GLN C 91 0.98 4.83 -8.80
CA GLN C 91 2.09 4.34 -9.61
C GLN C 91 3.40 5.05 -9.42
N GLN C 92 4.38 4.61 -10.16
CA GLN C 92 5.72 5.16 -10.13
C GLN C 92 5.80 6.30 -11.11
N GLY C 93 6.42 7.40 -10.71
CA GLY C 93 6.67 8.45 -11.67
C GLY C 93 5.72 9.62 -11.65
N ASP C 94 4.41 9.36 -11.60
CA ASP C 94 3.42 10.42 -11.37
C ASP C 94 3.69 11.18 -10.03
N PRO C 95 3.20 12.45 -9.91
CA PRO C 95 3.29 13.25 -8.67
C PRO C 95 1.91 13.50 -8.09
N PRO C 96 1.82 13.99 -6.84
CA PRO C 96 0.52 14.35 -6.29
C PRO C 96 -0.01 15.58 -7.03
N VAL C 97 -1.32 15.68 -7.15
CA VAL C 97 -1.93 16.93 -7.54
C VAL C 97 -2.76 17.44 -6.37
N GLU C 98 -2.52 18.68 -5.97
CA GLU C 98 -3.22 19.27 -4.85
C GLU C 98 -4.26 20.30 -5.29
N PHE C 99 -5.54 20.02 -4.99
CA PHE C 99 -6.64 20.94 -5.31
C PHE C 99 -7.22 21.60 -4.07
N ALA C 100 -8.04 22.63 -4.29
CA ALA C 100 -8.68 23.35 -3.19
C ALA C 100 -9.97 24.03 -3.67
N THR C 101 -10.93 24.18 -2.75
CA THR C 101 -12.19 24.88 -3.03
C THR C 101 -12.34 26.04 -2.09
N ASP C 102 -13.27 26.94 -2.43
CA ASP C 102 -13.66 28.04 -1.53
C ASP C 102 -14.61 27.55 -0.43
N ARG C 103 -15.52 26.66 -0.78
CA ARG C 103 -16.61 26.28 0.12
C ARG C 103 -16.55 24.79 0.50
N VAL C 104 -16.69 24.47 1.77
CA VAL C 104 -16.63 23.06 2.15
C VAL C 104 -17.63 22.17 1.39
N GLU C 105 -18.78 22.70 1.03
CA GLU C 105 -19.72 21.92 0.22
C GLU C 105 -19.16 21.54 -1.16
N GLU C 106 -18.16 22.27 -1.66
CA GLU C 106 -17.52 21.88 -2.93
C GLU C 106 -16.51 20.77 -2.71
N LEU C 107 -15.66 20.96 -1.70
CA LEU C 107 -14.78 19.89 -1.21
C LEU C 107 -15.53 18.57 -1.09
N PHE C 108 -16.69 18.63 -0.47
CA PHE C 108 -17.45 17.40 -0.26
C PHE C 108 -17.84 16.74 -1.57
N GLU C 109 -18.52 17.49 -2.44
CA GLU C 109 -19.03 16.92 -3.70
C GLU C 109 -17.89 16.09 -4.27
N TRP C 110 -16.60 17.43 -4.48
CA TRP C 110 -15.59 16.93 -5.41
C TRP C 110 -15.03 15.60 -4.94
N PHE C 111 -14.68 15.57 -3.65
CA PHE C 111 -14.09 14.42 -3.00
C PHE C 111 -14.88 13.12 -3.21
N GLN C 112 -16.20 13.20 -3.08
CA GLN C 112 -17.03 12.00 -3.24
C GLN C 112 -17.08 11.45 -4.67
N SER C 113 -17.20 12.33 -5.67
CA SER C 113 -17.26 11.92 -7.09
C SER C 113 -16.26 10.83 -7.51
N ILE C 114 -14.62 11.89 -6.62
CA ILE C 114 -13.49 11.11 -7.10
C ILE C 114 -13.41 9.80 -6.31
N ARG C 115 -13.73 9.87 -5.03
CA ARG C 115 -13.62 8.73 -4.14
C ARG C 115 -14.48 7.55 -4.62
N GLU C 116 -15.71 7.82 -5.03
CA GLU C 116 -16.52 6.77 -5.64
C GLU C 116 -15.80 6.15 -6.85
N ILE C 117 -15.15 6.99 -7.67
CA ILE C 117 -14.37 6.49 -8.81
C ILE C 117 -13.14 5.66 -8.40
N THR C 118 -12.41 6.09 -7.37
CA THR C 118 -11.19 5.38 -6.99
C THR C 118 -11.41 4.09 -6.18
N TRP C 119 -12.62 3.91 -5.64
CA TRP C 119 -12.95 2.67 -4.91
C TRP C 119 -13.53 1.62 -5.87
N LYS C 120 -12.84 0.50 -6.00
CA LYS C 120 -13.29 -0.59 -6.87
C LYS C 120 -12.18 -1.59 -7.18
N ILE C 121 -11.79 -2.39 -6.18
CA ILE C 121 -12.27 -2.26 -4.80
C ILE C 121 -11.14 -2.49 -3.79
N LYS D 13 40.09 -12.36 -9.71
CA LYS D 13 38.72 -11.84 -9.70
C LYS D 13 37.77 -12.95 -10.11
N GLN D 14 37.09 -12.78 -11.23
CA GLN D 14 36.09 -13.77 -11.66
C GLN D 14 36.69 -14.75 -12.65
N GLN D 15 36.66 -16.03 -12.32
CA GLN D 15 37.31 -17.02 -13.17
C GLN D 15 36.68 -18.39 -12.88
N GLY D 16 36.81 -19.35 -13.79
CA GLY D 16 36.28 -20.67 -13.52
C GLY D 16 35.75 -21.37 -14.75
N GLU D 17 35.40 -22.64 -14.59
CA GLU D 17 34.91 -23.40 -15.73
C GLU D 17 33.43 -23.12 -16.04
N LEU D 18 33.12 -23.08 -17.33
CA LEU D 18 31.78 -22.87 -17.80
C LEU D 18 31.55 -23.85 -18.91
N TYR D 19 30.32 -24.31 -19.06
CA TYR D 19 29.95 -24.90 -20.35
C TYR D 19 29.66 -23.78 -21.33
N MET D 20 30.03 -24.00 -22.59
CA MET D 20 29.71 -23.10 -23.69
C MET D 20 28.95 -23.88 -24.75
N TRP D 21 28.05 -23.21 -25.46
CA TRP D 21 27.12 -23.93 -26.32
C TRP D 21 27.45 -23.71 -27.78
N ASP D 22 27.60 -24.80 -28.54
CA ASP D 22 27.94 -24.70 -29.96
C ASP D 22 26.69 -24.78 -30.80
N SER D 23 26.35 -23.69 -31.47
CA SER D 23 25.15 -23.64 -32.30
C SER D 23 25.24 -24.68 -33.38
N ILE D 24 26.45 -24.92 -33.87
CA ILE D 24 26.64 -25.79 -35.03
C ILE D 24 26.62 -27.27 -34.67
N ASP D 25 27.41 -27.67 -33.69
CA ASP D 25 27.45 -29.07 -33.25
C ASP D 25 26.32 -29.46 -32.26
N GLN D 26 25.62 -28.47 -31.73
CA GLN D 26 24.49 -28.72 -30.84
C GLN D 26 24.94 -29.47 -29.59
N LYS D 27 26.06 -29.03 -29.04
CA LYS D 27 26.65 -29.68 -27.90
C LYS D 27 27.16 -28.59 -26.98
N TRP D 28 27.38 -28.95 -25.73
CA TRP D 28 27.92 -28.05 -24.74
C TRP D 28 29.35 -28.54 -24.54
N THR D 29 30.27 -27.66 -24.17
CA THR D 29 31.65 -28.08 -24.00
C THR D 29 32.23 -27.21 -22.95
N ARG D 30 33.24 -27.73 -22.27
CA ARG D 30 33.75 -27.12 -21.07
C ARG D 30 34.93 -26.23 -21.41
N HIS D 31 35.01 -25.07 -20.78
CA HIS D 31 36.09 -24.15 -21.03
C HIS D 31 36.44 -23.45 -19.75
N PHE D 32 37.72 -23.36 -19.45
CA PHE D 32 38.12 -22.44 -18.40
C PHE D 32 37.95 -21.02 -18.89
N CYS D 33 37.18 -20.22 -18.14
CA CYS D 33 36.95 -18.80 -18.48
C CYS D 33 37.35 -17.83 -17.37
N ALA D 34 37.62 -16.59 -17.75
CA ALA D 34 38.09 -15.59 -16.81
C ALA D 34 37.75 -14.19 -17.32
N ILE D 35 37.77 -13.24 -16.39
CA ILE D 35 37.42 -11.87 -16.68
C ILE D 35 38.50 -10.96 -16.16
N ALA D 36 38.86 -9.98 -16.98
CA ALA D 36 39.85 -9.00 -16.57
C ALA D 36 39.52 -7.66 -17.22
N ASP D 37 39.68 -6.61 -16.44
CA ASP D 37 39.12 -5.31 -16.76
C ASP D 37 37.64 -5.51 -16.99
N ALA D 38 37.35 -5.71 -18.91
CA ALA D 38 35.95 -5.98 -19.18
C ALA D 38 36.00 -6.87 -20.38
N LYS D 39 37.01 -7.73 -20.39
CA LYS D 39 37.14 -8.73 -21.43
C LYS D 39 37.08 -10.11 -20.77
N LEU D 40 36.16 -10.95 -21.27
CA LEU D 40 36.03 -12.36 -20.88
C LEU D 40 36.87 -13.26 -21.81
N SER D 41 37.79 -14.03 -21.25
CA SER D 41 38.47 -15.06 -22.05
C SER D 41 37.97 -16.46 -21.77
N PHE D 42 37.80 -17.23 -22.86
CA PHE D 42 37.56 -18.67 -22.68
C PHE D 42 38.66 -19.53 -23.28
N SER D 43 39.07 -20.58 -22.59
CA SER D 43 40.07 -21.50 -23.11
C SER D 43 39.54 -22.38 -24.24
N ASP D 44 40.40 -23.27 -24.74
CA ASP D 44 39.95 -24.39 -25.55
C ASP D 44 39.09 -25.39 -24.75
N ASP D 45 38.50 -26.34 -25.46
CA ASP D 45 37.74 -27.43 -24.85
C ASP D 45 38.64 -28.23 -23.91
N ILE D 46 38.15 -28.48 -22.71
CA ILE D 46 38.95 -29.16 -21.68
C ILE D 46 38.96 -30.68 -21.83
N GLU D 47 37.85 -31.24 -22.28
CA GLU D 47 37.74 -32.68 -22.41
C GLU D 47 38.49 -33.10 -23.65
N GLN D 48 38.43 -32.23 -24.65
CA GLN D 48 39.00 -32.54 -25.94
C GLN D 48 40.49 -32.25 -25.96
N THR D 49 40.93 -31.20 -25.29
CA THR D 49 42.38 -30.98 -25.15
C THR D 49 42.99 -32.06 -24.25
N MET D 50 42.16 -32.71 -23.41
CA MET D 50 42.68 -33.76 -22.52
C MET D 50 42.68 -35.17 -23.11
N GLU D 51 41.95 -35.36 -24.21
CA GLU D 51 41.88 -36.64 -24.92
C GLU D 51 42.96 -36.69 -25.98
N GLU D 52 43.20 -35.52 -26.58
CA GLU D 52 44.37 -35.25 -27.37
C GLU D 52 45.48 -36.26 -27.07
N ASP D 53 45.81 -37.09 -28.06
CA ASP D 53 47.03 -37.87 -27.99
C ASP D 53 48.20 -36.91 -27.96
N ASN D 54 47.89 -35.64 -28.22
CA ASN D 54 48.84 -34.53 -28.07
C ASN D 54 48.65 -33.90 -26.69
N PRO D 55 49.20 -32.70 -26.49
CA PRO D 55 48.86 -32.01 -25.25
C PRO D 55 48.15 -30.67 -25.50
N LEU D 56 48.36 -30.09 -26.68
CA LEU D 56 47.93 -28.72 -27.08
C LEU D 56 47.05 -27.89 -26.11
N GLY D 57 45.98 -27.25 -26.61
CA GLY D 57 45.13 -26.56 -25.66
C GLY D 57 45.58 -25.17 -25.25
N SER D 58 44.82 -24.18 -25.67
CA SER D 58 45.07 -22.84 -25.18
C SER D 58 44.12 -22.36 -24.06
N LEU D 59 44.69 -21.65 -23.07
CA LEU D 59 43.93 -20.98 -22.00
C LEU D 59 43.03 -19.91 -22.62
N CYS D 60 43.45 -19.38 -23.77
CA CYS D 60 42.75 -18.26 -24.37
C CYS D 60 42.58 -18.45 -25.88
N ARG D 61 41.49 -19.12 -26.25
CA ARG D 61 41.22 -19.45 -27.65
C ARG D 61 40.87 -18.22 -28.50
N GLY D 62 38.88 -17.60 -27.42
CA GLY D 62 39.32 -16.22 -27.50
C GLY D 62 38.80 -15.31 -26.42
N ILE D 63 38.59 -14.04 -26.80
CA ILE D 63 38.25 -12.98 -25.86
C ILE D 63 37.00 -12.23 -26.27
N LEU D 64 36.01 -12.12 -25.37
CA LEU D 64 34.84 -11.31 -25.68
C LEU D 64 35.00 -9.96 -25.02
N ASP D 65 34.46 -8.93 -25.66
CA ASP D 65 34.53 -7.58 -25.14
C ASP D 65 33.21 -7.25 -24.49
N LEU D 66 33.16 -7.44 -23.18
CA LEU D 66 31.94 -7.30 -22.39
C LEU D 66 31.26 -5.94 -22.59
N ASN D 67 32.05 -4.90 -22.87
CA ASN D 67 31.53 -3.58 -23.18
C ASN D 67 30.54 -3.58 -24.33
N THR D 68 30.64 -4.56 -25.21
CA THR D 68 29.75 -4.62 -26.36
C THR D 68 28.66 -5.67 -26.16
N TYR D 69 28.47 -6.10 -24.92
CA TYR D 69 27.45 -7.12 -24.62
C TYR D 69 26.52 -6.73 -23.47
N ASN D 70 25.36 -7.40 -23.40
CA ASN D 70 24.50 -7.38 -22.21
C ASN D 70 24.28 -8.81 -21.73
N VAL D 71 24.38 -9.04 -20.42
CA VAL D 71 24.06 -10.36 -19.85
C VAL D 71 22.56 -10.59 -19.72
N VAL D 72 22.12 -11.79 -20.08
CA VAL D 72 20.72 -12.16 -19.90
C VAL D 72 20.68 -13.56 -19.30
N LYS D 73 19.89 -13.73 -18.25
CA LYS D 73 19.78 -15.04 -17.65
C LYS D 73 18.54 -15.71 -18.20
N ALA D 74 18.70 -16.95 -18.66
CA ALA D 74 17.55 -17.76 -19.09
C ALA D 74 16.71 -18.12 -17.88
N PRO D 75 15.41 -17.76 -17.92
CA PRO D 75 14.47 -17.98 -16.81
C PRO D 75 14.46 -19.45 -16.37
N GLN D 76 14.45 -20.36 -17.34
CA GLN D 76 14.34 -21.78 -17.03
C GLN D 76 15.34 -22.63 -17.83
N GLY D 77 16.53 -22.10 -18.07
CA GLY D 77 17.55 -22.83 -18.80
C GLY D 77 17.39 -22.84 -20.31
N LYS D 78 18.12 -23.74 -20.95
CA LYS D 78 18.13 -23.83 -22.41
C LYS D 78 18.93 -25.07 -22.78
N ASN D 79 18.42 -25.83 -23.74
CA ASN D 79 19.14 -27.01 -24.24
C ASN D 79 19.55 -28.04 -23.15
N GLN D 80 18.59 -28.37 -22.28
CA GLN D 80 18.67 -29.53 -21.37
C GLN D 80 19.68 -29.42 -20.23
N LYS D 81 20.44 -27.38 -20.08
CA LYS D 81 21.09 -27.00 -18.84
C LYS D 81 20.09 -26.21 -18.04
N SER D 82 20.20 -26.25 -16.73
CA SER D 82 19.26 -25.51 -15.91
C SER D 82 19.73 -24.09 -15.70
N PHE D 83 21.04 -23.93 -15.56
CA PHE D 83 21.60 -22.63 -15.23
C PHE D 83 22.39 -22.07 -16.39
N VAL D 84 21.73 -21.24 -17.18
CA VAL D 84 22.38 -20.66 -18.33
C VAL D 84 22.19 -19.15 -18.42
N PHE D 85 23.27 -18.46 -18.76
CA PHE D 85 23.21 -17.06 -19.11
C PHE D 85 23.77 -16.83 -20.49
N ILE D 86 23.37 -15.71 -21.08
CA ILE D 86 23.66 -15.40 -22.45
C ILE D 86 24.23 -14.01 -22.62
N LEU D 87 25.29 -13.89 -23.43
CA LEU D 87 25.84 -12.59 -23.75
C LEU D 87 25.22 -12.16 -25.06
N GLU D 88 24.22 -11.28 -24.97
CA GLU D 88 23.51 -10.79 -26.17
C GLU D 88 24.22 -9.52 -26.67
N PRO D 89 24.76 -9.57 -27.92
CA PRO D 89 25.60 -8.47 -28.48
C PRO D 89 24.80 -7.18 -28.61
N LYS D 90 25.42 -6.04 -28.38
CA LYS D 90 24.75 -4.77 -28.65
C LYS D 90 24.98 -4.34 -30.10
N GLN D 91 26.08 -4.80 -30.70
CA GLN D 91 26.49 -4.34 -32.04
C GLN D 91 25.99 -5.22 -33.19
N ASP D 94 28.67 -9.18 -34.37
CA ASP D 94 28.77 -10.20 -33.35
C ASP D 94 27.43 -10.90 -33.27
N PRO D 95 27.72 -12.55 -32.38
CA PRO D 95 26.62 -13.47 -32.17
C PRO D 95 26.46 -13.59 -30.67
N PRO D 96 25.36 -14.17 -30.21
CA PRO D 96 25.22 -14.45 -28.77
C PRO D 96 26.22 -15.51 -28.34
N VAL D 97 26.73 -15.42 -27.13
CA VAL D 97 27.47 -16.55 -26.58
C VAL D 97 26.69 -17.10 -25.40
N GLU D 98 26.40 -18.39 -25.44
CA GLU D 98 25.59 -19.02 -24.40
C GLU D 98 26.44 -19.87 -23.44
N PHE D 99 26.43 -19.49 -22.17
CA PHE D 99 27.16 -20.19 -21.14
C PHE D 99 26.25 -20.96 -20.20
N ALA D 100 26.83 -21.84 -19.38
CA ALA D 100 26.06 -22.61 -18.41
C ALA D 100 26.94 -23.10 -17.25
N THR D 101 26.35 -23.19 -16.06
CA THR D 101 27.04 -23.75 -14.90
C THR D 101 26.34 -25.00 -14.40
N ASP D 102 27.05 -25.76 -13.57
CA ASP D 102 26.48 -26.91 -12.86
C ASP D 102 25.67 -26.42 -11.66
N LYS D 103 26.29 -25.51 -10.93
CA LYS D 103 25.74 -25.00 -9.68
C LYS D 103 26.05 -23.52 -9.57
N VAL D 104 23.54 -23.43 -9.26
CA VAL D 104 23.02 -22.09 -9.37
C VAL D 104 23.93 -21.04 -8.72
N GLU D 105 24.70 -21.42 -7.70
CA GLU D 105 25.54 -20.41 -7.04
C GLU D 105 26.65 -19.91 -7.94
N GLU D 106 26.98 -20.66 -8.98
CA GLU D 106 27.93 -20.18 -10.01
C GLU D 106 27.25 -19.22 -11.00
N LEU D 107 26.16 -19.66 -11.58
CA LEU D 107 25.31 -18.77 -12.36
C LEU D 107 25.17 -17.41 -11.68
N PHE D 108 24.88 -17.38 -10.39
CA PHE D 108 24.68 -16.11 -9.70
C PHE D 108 25.92 -15.26 -9.73
N GLU D 109 27.03 -15.84 -9.29
CA GLU D 109 28.27 -15.11 -9.18
C GLU D 109 28.69 -14.59 -10.55
N TRP D 110 28.61 -15.49 -11.56
CA TRP D 110 29.06 -15.16 -12.91
C TRP D 110 28.22 -14.01 -13.44
N PHE D 111 26.92 -14.23 -13.48
CA PHE D 111 25.94 -13.23 -13.92
C PHE D 111 26.15 -11.82 -13.33
N GLN D 112 26.36 -11.73 -12.02
CA GLN D 112 26.56 -10.45 -11.37
C GLN D 112 27.88 -9.72 -11.74
N SER D 113 28.99 -10.46 -11.84
CA SER D 113 30.31 -9.87 -12.18
C SER D 113 30.32 -8.83 -13.34
N ILE D 114 29.09 -10.24 -14.55
CA ILE D 114 29.22 -9.53 -15.82
C ILE D 114 28.24 -8.34 -15.80
N ARG D 115 27.09 -8.53 -15.16
CA ARG D 115 26.06 -7.51 -15.11
C ARG D 115 26.56 -6.20 -14.50
N GLU D 116 27.39 -6.28 -13.47
CA GLU D 116 27.99 -5.07 -12.91
C GLU D 116 28.87 -4.40 -13.96
N ILE D 117 29.59 -5.20 -14.74
CA ILE D 117 30.41 -4.68 -15.85
C ILE D 117 29.59 -4.05 -16.98
N THR D 118 28.46 -4.67 -17.37
CA THR D 118 27.65 -4.15 -18.47
C THR D 118 26.71 -2.97 -18.13
N TRP D 119 26.49 -2.70 -16.84
CA TRP D 119 25.71 -1.52 -16.44
C TRP D 119 26.62 -0.31 -16.23
#